data_5TVI
#
_entry.id   5TVI
#
_cell.length_a   87.480
_cell.length_b   87.480
_cell.length_c   49.670
_cell.angle_alpha   90.00
_cell.angle_beta   90.00
_cell.angle_gamma   120.00
#
_symmetry.space_group_name_H-M   'P 61'
#
loop_
_entity.id
_entity.type
_entity.pdbx_description
1 polymer 'non specific lipid transfer protein'
2 non-polymer GLYCEROL
3 non-polymer 'MYRISTIC ACID'
4 non-polymer octacosan-1-ol
5 water water
#
_entity_poly.entity_id   1
_entity_poly.type   'polypeptide(L)'
_entity_poly.pdbx_seq_one_letter_code
;AVTCGQVDANLAPCVPFLTQGGEPGAACCSGVKTLNGNAQSPDDRKTACNCIKAAANRYPNLKDDAAQSLPSKCGISLNV
PISRTINCDTIS
;
_entity_poly.pdbx_strand_id   V,W
#
# COMPACT_ATOMS: atom_id res chain seq x y z
N VAL A 2 -7.08 8.06 -18.43
CA VAL A 2 -5.93 7.23 -18.10
C VAL A 2 -5.60 6.29 -19.25
N THR A 3 -4.33 6.26 -19.66
CA THR A 3 -3.84 5.23 -20.59
C THR A 3 -2.59 4.60 -19.98
N CYS A 4 -2.20 3.43 -20.48
CA CYS A 4 -1.00 2.78 -19.93
C CYS A 4 0.23 3.59 -20.24
N GLY A 5 0.24 4.30 -21.37
CA GLY A 5 1.38 5.16 -21.71
C GLY A 5 1.57 6.27 -20.69
N GLN A 6 0.47 6.88 -20.27
CA GLN A 6 0.53 7.90 -19.22
C GLN A 6 0.96 7.33 -17.86
N VAL A 7 0.51 6.11 -17.55
CA VAL A 7 0.94 5.45 -16.33
C VAL A 7 2.43 5.18 -16.38
N ASP A 8 2.92 4.72 -17.53
CA ASP A 8 4.34 4.45 -17.69
C ASP A 8 5.18 5.70 -17.51
N ALA A 9 4.67 6.80 -18.07
CA ALA A 9 5.37 8.08 -17.99
C ALA A 9 5.42 8.58 -16.54
N ASN A 10 4.31 8.44 -15.83
CA ASN A 10 4.23 8.86 -14.43
C ASN A 10 5.14 8.03 -13.53
N LEU A 11 5.20 6.73 -13.79
CA LEU A 11 5.92 5.84 -12.90
C LEU A 11 7.38 5.60 -13.28
N ALA A 12 7.78 6.06 -14.47
CA ALA A 12 9.17 5.89 -14.93
C ALA A 12 10.24 6.30 -13.89
N PRO A 13 10.10 7.49 -13.29
CA PRO A 13 11.15 7.86 -12.33
C PRO A 13 11.12 7.00 -11.05
N CYS A 14 10.10 6.17 -10.88
CA CYS A 14 10.03 5.28 -9.71
C CYS A 14 10.75 3.96 -9.94
N VAL A 15 11.11 3.68 -11.20
CA VAL A 15 11.72 2.38 -11.52
C VAL A 15 13.01 2.03 -10.70
N PRO A 16 13.91 3.00 -10.49
CA PRO A 16 15.08 2.63 -9.68
C PRO A 16 14.70 2.25 -8.24
N PHE A 17 13.82 3.02 -7.63
CA PHE A 17 13.36 2.70 -6.27
C PHE A 17 12.63 1.38 -6.25
N LEU A 18 11.76 1.18 -7.22
CA LEU A 18 10.96 -0.05 -7.28
C LEU A 18 11.84 -1.29 -7.57
N THR A 19 12.99 -1.09 -8.21
CA THR A 19 13.85 -2.22 -8.51
C THR A 19 15.09 -2.34 -7.61
N GLN A 20 15.45 -1.26 -6.93
CA GLN A 20 16.66 -1.28 -6.11
C GLN A 20 16.43 -0.92 -4.64
N GLY A 21 15.20 -0.57 -4.28
CA GLY A 21 14.91 -0.10 -2.92
C GLY A 21 15.50 1.27 -2.64
N GLY A 22 15.57 1.64 -1.36
CA GLY A 22 16.07 2.96 -1.00
C GLY A 22 14.91 3.87 -0.68
N GLU A 23 14.89 5.06 -1.26
CA GLU A 23 13.75 5.96 -1.15
C GLU A 23 13.25 6.33 -2.54
N PRO A 24 11.97 6.72 -2.64
CA PRO A 24 11.43 6.97 -3.98
C PRO A 24 12.07 8.20 -4.65
N GLY A 25 12.25 9.26 -3.86
CA GLY A 25 12.74 10.50 -4.42
C GLY A 25 11.61 11.39 -4.92
N ALA A 26 11.93 12.67 -5.10
CA ALA A 26 10.97 13.71 -5.46
C ALA A 26 10.25 13.44 -6.78
N ALA A 27 11.00 13.06 -7.80
CA ALA A 27 10.44 12.86 -9.13
C ALA A 27 9.46 11.69 -9.12
N CYS A 28 9.84 10.61 -8.46
CA CYS A 28 8.93 9.46 -8.33
C CYS A 28 7.65 9.84 -7.56
N CYS A 29 7.78 10.49 -6.41
CA CYS A 29 6.61 10.88 -5.63
C CYS A 29 5.69 11.81 -6.44
N SER A 30 6.29 12.71 -7.19
CA SER A 30 5.52 13.58 -8.06
C SER A 30 4.76 12.78 -9.12
N GLY A 31 5.46 11.80 -9.71
CA GLY A 31 4.85 10.96 -10.72
C GLY A 31 3.66 10.21 -10.16
N VAL A 32 3.81 9.67 -8.95
CA VAL A 32 2.73 8.92 -8.35
C VAL A 32 1.57 9.82 -7.97
N LYS A 33 1.86 11.03 -7.49
CA LYS A 33 0.76 11.93 -7.16
C LYS A 33 -0.04 12.32 -8.40
N THR A 34 0.66 12.48 -9.54
CA THR A 34 -0.03 12.78 -10.80
C THR A 34 -0.93 11.63 -11.20
N LEU A 35 -0.38 10.42 -11.14
CA LEU A 35 -1.17 9.23 -11.45
C LEU A 35 -2.41 9.16 -10.55
N ASN A 36 -2.18 9.36 -9.27
CA ASN A 36 -3.22 9.22 -8.27
C ASN A 36 -4.29 10.27 -8.51
N GLY A 37 -3.85 11.44 -8.97
CA GLY A 37 -4.73 12.52 -9.33
C GLY A 37 -5.56 12.18 -10.55
N ASN A 38 -4.96 11.43 -11.48
CA ASN A 38 -5.61 11.08 -12.74
C ASN A 38 -6.50 9.86 -12.65
N ALA A 39 -6.44 9.14 -11.53
CA ALA A 39 -7.30 7.98 -11.34
C ALA A 39 -8.53 8.44 -10.57
N GLN A 40 -9.31 9.33 -11.17
CA GLN A 40 -10.37 10.03 -10.45
C GLN A 40 -11.72 9.30 -10.37
N SER A 41 -11.93 8.32 -11.25
CA SER A 41 -13.21 7.62 -11.30
C SER A 41 -12.93 6.13 -11.05
N PRO A 42 -13.98 5.34 -10.77
CA PRO A 42 -13.77 3.90 -10.63
C PRO A 42 -13.17 3.31 -11.93
N ASP A 43 -13.66 3.75 -13.07
CA ASP A 43 -13.13 3.30 -14.36
C ASP A 43 -11.64 3.70 -14.53
N ASP A 44 -11.31 4.96 -14.24
CA ASP A 44 -9.92 5.41 -14.32
C ASP A 44 -9.06 4.57 -13.39
N ARG A 45 -9.58 4.23 -12.21
CA ARG A 45 -8.78 3.50 -11.23
C ARG A 45 -8.54 2.06 -11.68
N LYS A 46 -9.57 1.43 -12.24
CA LYS A 46 -9.46 0.05 -12.71
C LYS A 46 -8.46 -0.02 -13.87
N THR A 47 -8.55 0.99 -14.73
CA THR A 47 -7.70 1.06 -15.91
C THR A 47 -6.24 1.26 -15.46
N ALA A 48 -6.02 2.27 -14.62
CA ALA A 48 -4.68 2.51 -14.07
C ALA A 48 -4.15 1.27 -13.37
N CYS A 49 -4.99 0.61 -12.60
CA CYS A 49 -4.58 -0.59 -11.88
C CYS A 49 -4.04 -1.63 -12.87
N ASN A 50 -4.77 -1.86 -13.95
CA ASN A 50 -4.31 -2.85 -14.91
C ASN A 50 -3.00 -2.48 -15.61
N CYS A 51 -2.85 -1.19 -15.89
CA CYS A 51 -1.62 -0.73 -16.52
C CYS A 51 -0.44 -0.85 -15.53
N ILE A 52 -0.70 -0.56 -14.26
CA ILE A 52 0.37 -0.63 -13.25
C ILE A 52 0.79 -2.07 -13.01
N LYS A 53 -0.17 -2.97 -13.03
CA LYS A 53 0.11 -4.39 -12.89
C LYS A 53 0.98 -4.90 -14.05
N ALA A 54 0.63 -4.49 -15.28
CA ALA A 54 1.48 -4.77 -16.44
C ALA A 54 2.94 -4.28 -16.21
N ALA A 55 3.03 -3.00 -15.83
CA ALA A 55 4.34 -2.40 -15.59
C ALA A 55 5.12 -3.16 -14.52
N ALA A 56 4.43 -3.54 -13.44
CA ALA A 56 5.09 -4.21 -12.33
C ALA A 56 5.62 -5.55 -12.80
N ASN A 57 4.91 -6.16 -13.75
CA ASN A 57 5.33 -7.48 -14.23
C ASN A 57 6.44 -7.44 -15.29
N ARG A 58 6.87 -6.24 -15.67
CA ARG A 58 8.09 -6.15 -16.48
C ARG A 58 9.39 -6.58 -15.76
N TYR A 59 9.47 -6.37 -14.44
CA TYR A 59 10.74 -6.47 -13.71
C TYR A 59 10.83 -7.71 -12.82
N PRO A 60 11.66 -8.67 -13.24
CA PRO A 60 11.88 -9.89 -12.46
C PRO A 60 12.50 -9.53 -11.11
N ASN A 61 13.17 -8.39 -11.06
CA ASN A 61 13.79 -7.92 -9.84
C ASN A 61 12.98 -6.89 -9.08
N LEU A 62 11.67 -6.82 -9.32
CA LEU A 62 10.82 -5.88 -8.61
C LEU A 62 10.92 -6.12 -7.11
N LYS A 63 11.06 -5.06 -6.33
CA LYS A 63 11.08 -5.15 -4.88
C LYS A 63 9.67 -4.88 -4.37
N ASP A 64 8.95 -5.94 -4.03
CA ASP A 64 7.56 -5.79 -3.60
C ASP A 64 7.44 -4.90 -2.37
N ASP A 65 8.45 -4.92 -1.51
CA ASP A 65 8.36 -4.07 -0.33
C ASP A 65 8.65 -2.60 -0.63
N ALA A 66 9.38 -2.31 -1.71
CA ALA A 66 9.48 -0.94 -2.18
C ALA A 66 8.10 -0.50 -2.63
N ALA A 67 7.48 -1.35 -3.45
CA ALA A 67 6.14 -1.06 -3.96
C ALA A 67 5.18 -0.81 -2.82
N GLN A 68 5.31 -1.60 -1.76
CA GLN A 68 4.41 -1.51 -0.61
C GLN A 68 4.70 -0.30 0.27
N SER A 69 5.92 0.20 0.22
CA SER A 69 6.27 1.33 1.09
C SER A 69 6.11 2.68 0.34
N LEU A 70 5.86 2.62 -0.97
CA LEU A 70 5.80 3.86 -1.74
C LEU A 70 4.75 4.88 -1.24
N PRO A 71 3.51 4.43 -0.94
CA PRO A 71 2.53 5.45 -0.49
C PRO A 71 2.93 6.17 0.80
N SER A 72 3.41 5.43 1.80
CA SER A 72 3.80 6.07 3.05
C SER A 72 4.99 6.98 2.85
N LYS A 73 5.95 6.56 2.03
CA LYS A 73 7.16 7.37 1.80
C LYS A 73 6.86 8.64 0.99
N CYS A 74 5.85 8.57 0.13
CA CYS A 74 5.43 9.73 -0.63
C CYS A 74 4.34 10.58 0.09
N GLY A 75 3.78 10.05 1.17
CA GLY A 75 2.76 10.76 1.93
C GLY A 75 1.38 10.79 1.28
N ILE A 76 1.05 9.75 0.52
CA ILE A 76 -0.23 9.73 -0.20
C ILE A 76 -1.08 8.51 0.12
N SER A 77 -2.38 8.66 -0.15
CA SER A 77 -3.29 7.52 -0.05
C SER A 77 -3.44 6.98 -1.48
N LEU A 78 -2.73 5.91 -1.80
CA LEU A 78 -2.62 5.50 -3.21
C LEU A 78 -3.83 4.71 -3.69
N ASN A 79 -4.60 5.31 -4.58
CA ASN A 79 -5.84 4.67 -5.06
C ASN A 79 -5.58 3.42 -5.87
N VAL A 80 -4.39 3.34 -6.46
CA VAL A 80 -4.02 2.20 -7.27
C VAL A 80 -2.65 1.64 -6.86
N PRO A 81 -2.66 0.60 -6.01
CA PRO A 81 -1.44 0.01 -5.45
C PRO A 81 -0.53 -0.55 -6.52
N ILE A 82 0.77 -0.53 -6.28
CA ILE A 82 1.72 -1.07 -7.24
C ILE A 82 1.93 -2.55 -6.89
N SER A 83 1.38 -3.43 -7.72
CA SER A 83 1.42 -4.86 -7.43
C SER A 83 1.43 -5.71 -8.70
N ARG A 84 2.19 -6.80 -8.69
CA ARG A 84 2.19 -7.76 -9.80
C ARG A 84 0.98 -8.69 -9.82
N THR A 85 0.27 -8.78 -8.70
CA THR A 85 -0.73 -9.84 -8.54
C THR A 85 -2.11 -9.35 -8.18
N ILE A 86 -2.29 -8.03 -8.06
CA ILE A 86 -3.58 -7.49 -7.66
C ILE A 86 -4.65 -7.83 -8.68
N ASN A 87 -5.84 -8.18 -8.19
CA ASN A 87 -7.01 -8.32 -9.03
C ASN A 87 -7.65 -6.95 -9.16
N CYS A 88 -7.61 -6.35 -10.35
CA CYS A 88 -8.04 -4.95 -10.44
C CYS A 88 -9.54 -4.77 -10.35
N ASP A 89 -10.31 -5.85 -10.44
CA ASP A 89 -11.76 -5.77 -10.26
C ASP A 89 -12.15 -5.32 -8.84
N THR A 90 -11.24 -5.54 -7.90
CA THR A 90 -11.52 -5.25 -6.48
C THR A 90 -11.14 -3.83 -6.13
N ILE A 91 -10.56 -3.14 -7.10
CA ILE A 91 -10.27 -1.72 -6.95
C ILE A 91 -11.55 -0.92 -7.22
N ALA B 1 1.57 6.29 20.39
CA ALA B 1 2.44 5.14 20.63
C ALA B 1 1.74 3.86 20.18
N VAL B 2 2.50 2.81 19.95
CA VAL B 2 1.96 1.58 19.39
C VAL B 2 2.43 0.34 20.15
N THR B 3 1.56 -0.65 20.29
CA THR B 3 1.98 -1.97 20.74
C THR B 3 1.38 -2.99 19.81
N CYS B 4 1.87 -4.22 19.87
CA CYS B 4 1.30 -5.28 19.00
C CYS B 4 -0.14 -5.60 19.34
N GLY B 5 -0.51 -5.49 20.63
CA GLY B 5 -1.90 -5.67 21.04
C GLY B 5 -2.82 -4.61 20.44
N GLN B 6 -2.35 -3.37 20.42
CA GLN B 6 -3.08 -2.28 19.75
C GLN B 6 -3.26 -2.51 18.27
N VAL B 7 -2.20 -2.96 17.61
CA VAL B 7 -2.29 -3.30 16.20
C VAL B 7 -3.28 -4.42 15.96
N ASP B 8 -3.19 -5.47 16.77
CA ASP B 8 -4.07 -6.62 16.60
C ASP B 8 -5.52 -6.22 16.80
N ALA B 9 -5.78 -5.42 17.83
CA ALA B 9 -7.15 -5.04 18.15
C ALA B 9 -7.70 -4.13 17.07
N ASN B 10 -6.86 -3.23 16.58
CA ASN B 10 -7.31 -2.31 15.52
C ASN B 10 -7.50 -2.91 14.15
N LEU B 11 -6.70 -3.90 13.82
CA LEU B 11 -6.83 -4.51 12.51
C LEU B 11 -7.74 -5.73 12.54
N ALA B 12 -8.11 -6.19 13.74
CA ALA B 12 -9.05 -7.30 13.88
C ALA B 12 -10.32 -7.18 13.02
N PRO B 13 -11.00 -6.01 13.05
CA PRO B 13 -12.20 -5.87 12.21
C PRO B 13 -11.92 -5.93 10.72
N CYS B 14 -10.64 -5.85 10.34
CA CYS B 14 -10.26 -5.91 8.94
C CYS B 14 -10.06 -7.33 8.44
N VAL B 15 -10.02 -8.29 9.36
CA VAL B 15 -9.74 -9.68 8.98
C VAL B 15 -10.65 -10.22 7.86
N PRO B 16 -11.98 -10.00 7.96
CA PRO B 16 -12.84 -10.50 6.87
C PRO B 16 -12.48 -9.93 5.50
N PHE B 17 -12.12 -8.65 5.46
CA PHE B 17 -11.75 -8.02 4.21
C PHE B 17 -10.39 -8.52 3.72
N LEU B 18 -9.47 -8.70 4.65
CA LEU B 18 -8.11 -9.11 4.31
C LEU B 18 -8.02 -10.58 3.88
N THR B 19 -9.10 -11.34 4.12
CA THR B 19 -9.12 -12.75 3.80
C THR B 19 -10.16 -13.12 2.74
N GLN B 20 -11.10 -12.21 2.49
CA GLN B 20 -12.20 -12.50 1.58
C GLN B 20 -12.47 -11.36 0.60
N GLY B 21 -11.72 -10.26 0.75
CA GLY B 21 -11.87 -9.12 -0.13
C GLY B 21 -13.20 -8.42 -0.01
N GLY B 22 -13.54 -7.65 -1.03
CA GLY B 22 -14.74 -6.84 -1.01
C GLY B 22 -14.38 -5.45 -0.55
N GLU B 23 -15.03 -4.99 0.51
CA GLU B 23 -14.74 -3.65 1.02
C GLU B 23 -14.51 -3.70 2.51
N PRO B 24 -13.59 -2.85 3.00
CA PRO B 24 -13.40 -2.74 4.44
C PRO B 24 -14.62 -2.09 5.04
N GLY B 25 -15.04 -2.60 6.19
CA GLY B 25 -16.21 -2.05 6.84
C GLY B 25 -15.79 -0.85 7.66
N ALA B 26 -16.77 -0.21 8.27
CA ALA B 26 -16.51 0.97 9.06
C ALA B 26 -15.53 0.70 10.18
N ALA B 27 -15.68 -0.43 10.89
CA ALA B 27 -14.80 -0.65 12.05
C ALA B 27 -13.35 -0.92 11.61
N CYS B 28 -13.22 -1.58 10.47
CA CYS B 28 -11.89 -1.77 9.87
C CYS B 28 -11.23 -0.40 9.60
N CYS B 29 -11.94 0.47 8.88
CA CYS B 29 -11.39 1.80 8.57
C CYS B 29 -11.12 2.64 9.80
N SER B 30 -12.00 2.56 10.79
CA SER B 30 -11.71 3.23 12.05
C SER B 30 -10.41 2.71 12.65
N GLY B 31 -10.23 1.39 12.64
CA GLY B 31 -9.04 0.79 13.22
C GLY B 31 -7.78 1.27 12.52
N VAL B 32 -7.88 1.37 11.19
CA VAL B 32 -6.73 1.79 10.38
C VAL B 32 -6.36 3.24 10.68
N LYS B 33 -7.39 4.08 10.82
CA LYS B 33 -7.12 5.48 11.15
C LYS B 33 -6.55 5.63 12.53
N THR B 34 -7.00 4.77 13.45
CA THR B 34 -6.48 4.83 14.81
C THR B 34 -5.02 4.44 14.82
N LEU B 35 -4.69 3.38 14.10
CA LEU B 35 -3.28 2.95 14.02
C LEU B 35 -2.44 4.11 13.43
N ASN B 36 -2.93 4.71 12.35
CA ASN B 36 -2.24 5.83 11.69
C ASN B 36 -1.97 6.96 12.66
N GLY B 37 -2.99 7.33 13.44
CA GLY B 37 -2.85 8.37 14.43
C GLY B 37 -1.94 8.02 15.60
N ASN B 38 -1.90 6.75 15.99
CA ASN B 38 -1.06 6.29 17.09
C ASN B 38 0.42 6.20 16.70
N ALA B 39 0.65 5.95 15.42
CA ALA B 39 2.02 5.71 14.93
C ALA B 39 2.66 7.05 14.58
N GLN B 40 2.98 7.82 15.61
CA GLN B 40 3.37 9.22 15.44
C GLN B 40 4.83 9.37 15.09
N SER B 41 5.67 8.70 15.84
CA SER B 41 7.10 8.78 15.64
C SER B 41 7.61 7.71 14.66
N PRO B 42 8.79 7.95 14.08
CA PRO B 42 9.39 6.91 13.26
C PRO B 42 9.56 5.59 14.03
N ASP B 43 9.90 5.67 15.31
CA ASP B 43 10.01 4.48 16.16
C ASP B 43 8.66 3.77 16.32
N ASP B 44 7.61 4.57 16.53
CA ASP B 44 6.27 4.02 16.55
C ASP B 44 5.96 3.30 15.22
N ARG B 45 6.35 3.89 14.09
CA ARG B 45 6.03 3.25 12.80
C ARG B 45 6.81 1.98 12.58
N LYS B 46 8.07 1.92 13.00
CA LYS B 46 8.80 0.65 12.83
C LYS B 46 8.24 -0.45 13.71
N THR B 47 7.81 -0.05 14.89
CA THR B 47 7.20 -0.97 15.83
C THR B 47 5.88 -1.48 15.24
N ALA B 48 5.04 -0.56 14.79
CA ALA B 48 3.77 -0.96 14.14
C ALA B 48 4.07 -1.83 12.92
N CYS B 49 5.12 -1.49 12.17
CA CYS B 49 5.44 -2.26 10.96
C CYS B 49 5.71 -3.72 11.32
N ASN B 50 6.51 -3.93 12.36
CA ASN B 50 6.80 -5.32 12.76
C ASN B 50 5.58 -6.05 13.32
N CYS B 51 4.76 -5.34 14.10
CA CYS B 51 3.51 -5.95 14.61
C CYS B 51 2.58 -6.36 13.48
N ILE B 52 2.48 -5.50 12.46
CA ILE B 52 1.56 -5.74 11.36
C ILE B 52 2.08 -6.89 10.51
N LYS B 53 3.38 -6.92 10.32
CA LYS B 53 4.01 -8.05 9.62
C LYS B 53 3.72 -9.39 10.33
N ALA B 54 3.79 -9.39 11.65
CA ALA B 54 3.43 -10.60 12.40
C ALA B 54 1.96 -10.97 12.15
N ALA B 55 1.08 -9.97 12.32
CA ALA B 55 -0.35 -10.19 12.13
C ALA B 55 -0.65 -10.73 10.73
N ALA B 56 0.03 -10.17 9.73
CA ALA B 56 -0.21 -10.52 8.34
C ALA B 56 0.26 -11.95 8.10
N ASN B 57 1.24 -12.38 8.88
CA ASN B 57 1.74 -13.75 8.75
C ASN B 57 0.94 -14.76 9.55
N ARG B 58 -0.02 -14.29 10.34
CA ARG B 58 -0.92 -15.21 11.04
C ARG B 58 -1.80 -16.07 10.13
N TYR B 59 -2.19 -15.52 8.99
CA TYR B 59 -3.22 -16.17 8.17
C TYR B 59 -2.78 -16.35 6.73
N PRO B 60 -2.66 -17.61 6.29
CA PRO B 60 -2.23 -17.99 4.93
C PRO B 60 -3.19 -17.45 3.89
N ASN B 61 -4.45 -17.36 4.30
CA ASN B 61 -5.54 -16.89 3.45
C ASN B 61 -5.55 -15.38 3.21
N LEU B 62 -4.62 -14.67 3.84
CA LEU B 62 -4.57 -13.21 3.71
C LEU B 62 -4.23 -12.82 2.28
N LYS B 63 -4.84 -11.73 1.81
CA LYS B 63 -4.56 -11.18 0.48
C LYS B 63 -3.67 -9.95 0.60
N ASP B 64 -2.42 -10.07 0.18
CA ASP B 64 -1.51 -8.92 0.19
C ASP B 64 -2.11 -7.72 -0.53
N ASP B 65 -2.83 -7.98 -1.61
CA ASP B 65 -3.39 -6.93 -2.42
C ASP B 65 -4.55 -6.18 -1.74
N ALA B 66 -5.44 -6.90 -1.07
CA ALA B 66 -6.45 -6.26 -0.23
C ALA B 66 -5.77 -5.34 0.79
N ALA B 67 -4.71 -5.84 1.41
CA ALA B 67 -3.92 -5.06 2.36
C ALA B 67 -3.42 -3.75 1.72
N GLN B 68 -2.91 -3.83 0.49
CA GLN B 68 -2.41 -2.62 -0.20
C GLN B 68 -3.52 -1.64 -0.55
N SER B 69 -4.70 -2.17 -0.86
CA SER B 69 -5.78 -1.27 -1.25
C SER B 69 -6.46 -0.66 -0.04
N LEU B 70 -6.18 -1.24 1.13
CA LEU B 70 -6.91 -0.85 2.34
C LEU B 70 -6.93 0.66 2.61
N PRO B 71 -5.77 1.33 2.64
CA PRO B 71 -5.86 2.75 3.04
C PRO B 71 -6.63 3.66 2.09
N SER B 72 -6.49 3.45 0.77
CA SER B 72 -7.16 4.34 -0.17
C SER B 72 -8.67 4.12 -0.15
N LYS B 73 -9.08 2.86 -0.05
CA LYS B 73 -10.51 2.56 0.15
C LYS B 73 -11.05 3.31 1.37
N CYS B 74 -10.31 3.27 2.48
CA CYS B 74 -10.77 3.97 3.66
C CYS B 74 -10.63 5.49 3.56
N GLY B 75 -9.92 5.97 2.53
CA GLY B 75 -9.66 7.39 2.41
C GLY B 75 -8.61 7.85 3.39
N ILE B 76 -7.67 6.96 3.68
CA ILE B 76 -6.66 7.20 4.71
C ILE B 76 -5.28 7.16 4.10
N SER B 77 -4.42 8.09 4.51
CA SER B 77 -3.01 8.05 4.13
C SER B 77 -2.23 7.39 5.27
N LEU B 78 -2.22 6.06 5.26
CA LEU B 78 -1.59 5.26 6.30
C LEU B 78 -0.07 5.37 6.18
N ASN B 79 0.58 5.75 7.27
CA ASN B 79 2.02 6.07 7.25
C ASN B 79 2.93 4.86 7.49
N VAL B 80 2.32 3.67 7.57
CA VAL B 80 3.05 2.41 7.76
C VAL B 80 2.61 1.43 6.68
N PRO B 81 3.57 0.75 6.04
CA PRO B 81 3.27 -0.29 5.07
C PRO B 81 2.62 -1.49 5.76
N ILE B 82 1.76 -2.19 5.04
CA ILE B 82 1.19 -3.44 5.52
C ILE B 82 1.79 -4.53 4.64
N SER B 83 2.61 -5.41 5.22
CA SER B 83 3.28 -6.43 4.42
C SER B 83 3.67 -7.70 5.20
N ARG B 84 3.73 -8.82 4.50
CA ARG B 84 4.16 -10.11 5.05
C ARG B 84 5.68 -10.24 5.02
N THR B 85 6.30 -9.45 4.16
CA THR B 85 7.68 -9.69 3.78
C THR B 85 8.59 -8.49 3.98
N ILE B 86 8.02 -7.33 4.27
CA ILE B 86 8.84 -6.12 4.30
C ILE B 86 9.93 -6.16 5.39
N ASN B 87 11.09 -5.64 5.07
CA ASN B 87 12.09 -5.35 6.07
C ASN B 87 11.76 -4.00 6.73
N CYS B 88 11.22 -4.07 7.96
CA CYS B 88 10.79 -2.85 8.64
C CYS B 88 11.89 -1.84 8.93
N ASP B 89 13.17 -2.23 8.79
CA ASP B 89 14.26 -1.25 8.97
C ASP B 89 14.29 -0.25 7.81
N THR B 90 13.60 -0.58 6.73
CA THR B 90 13.63 0.29 5.55
C THR B 90 12.55 1.37 5.56
N ILE B 91 11.66 1.34 6.55
CA ILE B 91 10.53 2.27 6.50
C ILE B 91 10.90 3.61 7.12
N SER B 92 10.09 4.61 6.80
CA SER B 92 10.35 5.99 7.16
C SER B 92 9.48 6.40 8.33
#